data_1DQE
#
_entry.id   1DQE
#
_cell.length_a   53.180
_cell.length_b   53.180
_cell.length_c   191.540
_cell.angle_alpha   90.00
_cell.angle_beta   90.00
_cell.angle_gamma   90.00
#
_symmetry.space_group_name_H-M   'P 41 21 2'
#
loop_
_entity.id
_entity.type
_entity.pdbx_description
1 polymer 'PHEROMONE-BINDING PROTEIN'
2 non-polymer HEXADECA-10,12-DIEN-1-OL
3 water water
#
_entity_poly.entity_id   1
_entity_poly.type   'polypeptide(L)'
_entity_poly.pdbx_seq_one_letter_code
;SQEVMKNLSLNFGKALDECKKEMTLTDAINEDFYNFWKEGYEIKNRETGCAIMCLSTKLNMLDPEGNLHHGNAMEFAKKH
GADETMAQQLIDIVHGCEKSTPANDDKCIWTLGVATCFKAEIHKLNWAPSMDVAVGE
;
_entity_poly.pdbx_strand_id   A,B
#
loop_
_chem_comp.id
_chem_comp.type
_chem_comp.name
_chem_comp.formula
BOM non-polymer HEXADECA-10,12-DIEN-1-OL 'C16 H30 O'
#
# COMPACT_ATOMS: atom_id res chain seq x y z
N SER A 1 22.61 0.62 -10.08
CA SER A 1 23.78 1.50 -10.12
C SER A 1 24.09 2.16 -8.78
N GLN A 2 25.36 2.40 -8.49
CA GLN A 2 25.78 3.00 -7.26
C GLN A 2 25.16 4.37 -7.10
N GLU A 3 25.20 5.16 -8.20
CA GLU A 3 24.60 6.47 -8.12
C GLU A 3 23.16 6.54 -7.62
N VAL A 4 22.33 5.65 -8.22
CA VAL A 4 20.91 5.58 -7.82
C VAL A 4 20.85 5.14 -6.36
N MET A 5 21.71 4.09 -6.10
CA MET A 5 21.58 3.58 -4.70
C MET A 5 21.96 4.73 -3.78
N LYS A 6 22.94 5.59 -4.05
CA LYS A 6 23.15 6.69 -3.12
C LYS A 6 21.89 7.54 -2.96
N ASN A 7 21.24 7.90 -4.07
CA ASN A 7 20.09 8.82 -4.00
C ASN A 7 18.97 8.14 -3.22
N LEU A 8 18.73 6.84 -3.46
CA LEU A 8 17.67 6.13 -2.71
C LEU A 8 18.01 6.10 -1.25
N SER A 9 19.34 5.87 -1.00
CA SER A 9 19.75 5.77 0.41
C SER A 9 19.59 7.10 1.17
N LEU A 10 20.05 8.17 0.54
CA LEU A 10 19.78 9.48 1.20
C LEU A 10 18.30 9.83 1.34
N ASN A 11 17.44 9.59 0.32
CA ASN A 11 16.01 9.86 0.50
C ASN A 11 15.32 8.96 1.50
N PHE A 12 15.74 7.70 1.65
CA PHE A 12 15.17 6.75 2.59
C PHE A 12 15.52 7.15 4.00
N GLY A 13 16.73 7.72 4.19
CA GLY A 13 17.16 8.12 5.54
C GLY A 13 16.68 9.50 6.04
N LYS A 14 16.05 10.26 5.21
CA LYS A 14 15.78 11.68 5.54
C LYS A 14 14.94 11.80 6.79
N ALA A 15 13.89 10.97 6.94
CA ALA A 15 13.18 11.06 8.26
C ALA A 15 13.85 10.40 9.42
N LEU A 16 15.10 10.00 9.46
CA LEU A 16 15.64 9.27 10.59
C LEU A 16 15.53 10.09 11.87
N ASP A 17 15.88 11.40 11.77
CA ASP A 17 15.73 12.20 12.99
C ASP A 17 14.34 12.19 13.61
N GLU A 18 13.33 12.26 12.78
CA GLU A 18 11.93 12.20 13.17
C GLU A 18 11.63 10.85 13.76
N CYS A 19 12.03 9.73 13.15
CA CYS A 19 11.87 8.43 13.82
C CYS A 19 12.65 8.32 15.15
N LYS A 20 13.84 8.95 15.21
CA LYS A 20 14.64 8.75 16.43
C LYS A 20 13.87 9.35 17.61
N LYS A 21 13.39 10.57 17.40
CA LYS A 21 12.64 11.25 18.45
C LYS A 21 11.43 10.42 18.81
N GLU A 22 10.53 10.26 17.84
CA GLU A 22 9.26 9.59 18.03
C GLU A 22 9.38 8.23 18.63
N MET A 23 10.42 7.43 18.39
CA MET A 23 10.50 6.09 18.97
C MET A 23 11.48 6.05 20.15
N THR A 24 11.95 7.22 20.59
CA THR A 24 13.00 7.21 21.61
C THR A 24 14.13 6.21 21.40
N LEU A 25 14.73 6.12 20.20
CA LEU A 25 15.81 5.19 19.95
C LEU A 25 17.13 5.81 20.44
N THR A 26 18.01 4.93 20.93
CA THR A 26 19.27 5.35 21.44
C THR A 26 20.25 5.74 20.30
N ASP A 27 21.42 6.27 20.66
CA ASP A 27 22.42 6.58 19.65
C ASP A 27 23.22 5.40 19.15
N ALA A 28 22.89 4.20 19.65
CA ALA A 28 23.44 2.96 19.16
C ALA A 28 23.18 2.81 17.64
N ILE A 29 22.10 3.35 17.11
CA ILE A 29 21.85 3.22 15.66
C ILE A 29 22.80 4.06 14.84
N ASN A 30 23.52 5.04 15.44
CA ASN A 30 24.27 5.98 14.63
C ASN A 30 25.39 5.27 13.88
N GLU A 31 26.11 4.37 14.55
CA GLU A 31 27.21 3.68 13.84
C GLU A 31 26.68 2.77 12.71
N ASP A 32 25.45 2.28 12.86
CA ASP A 32 24.94 1.37 11.83
C ASP A 32 24.57 2.17 10.58
N PHE A 33 23.98 3.35 10.80
CA PHE A 33 23.63 4.17 9.63
C PHE A 33 24.89 4.82 9.04
N TYR A 34 25.82 5.23 9.93
CA TYR A 34 27.06 5.81 9.35
C TYR A 34 27.80 4.77 8.52
N ASN A 35 27.78 3.52 8.89
CA ASN A 35 28.50 2.45 8.24
C ASN A 35 27.66 1.61 7.29
N PHE A 36 26.41 2.03 7.03
CA PHE A 36 25.45 1.14 6.38
C PHE A 36 26.09 0.52 5.13
N TRP A 37 26.79 1.26 4.28
CA TRP A 37 27.16 0.61 3.00
C TRP A 37 28.63 0.16 3.01
N LYS A 38 29.26 0.07 4.18
CA LYS A 38 30.63 -0.44 4.30
C LYS A 38 30.66 -1.96 4.31
N GLU A 39 31.37 -2.40 3.24
CA GLU A 39 31.24 -3.85 2.96
C GLU A 39 31.86 -4.54 4.18
N GLY A 40 31.23 -5.59 4.64
CA GLY A 40 31.74 -6.31 5.80
C GLY A 40 31.35 -5.77 7.14
N TYR A 41 30.79 -4.57 7.23
CA TYR A 41 30.29 -4.00 8.50
C TYR A 41 29.06 -4.77 8.87
N GLU A 42 28.93 -5.36 10.02
CA GLU A 42 27.75 -6.11 10.40
C GLU A 42 26.77 -5.17 11.10
N ILE A 43 25.56 -5.01 10.58
CA ILE A 43 24.54 -4.31 11.40
C ILE A 43 23.94 -5.30 12.36
N LYS A 44 23.99 -5.05 13.70
CA LYS A 44 23.48 -6.06 14.63
C LYS A 44 22.59 -5.43 15.74
N ASN A 45 22.52 -4.12 15.82
CA ASN A 45 21.53 -3.55 16.79
C ASN A 45 20.07 -3.74 16.42
N ARG A 46 19.28 -4.43 17.24
CA ARG A 46 17.83 -4.46 17.15
C ARG A 46 17.18 -3.12 16.87
N GLU A 47 17.54 -2.01 17.52
CA GLU A 47 16.97 -0.72 17.33
C GLU A 47 17.13 -0.18 15.93
N THR A 48 18.18 -0.69 15.22
CA THR A 48 18.31 -0.23 13.82
C THR A 48 17.21 -0.84 13.00
N GLY A 49 16.80 -2.06 13.37
CA GLY A 49 15.63 -2.69 12.71
C GLY A 49 14.43 -1.82 13.00
N CYS A 50 14.25 -1.43 14.27
CA CYS A 50 13.14 -0.55 14.57
C CYS A 50 13.20 0.71 13.71
N ALA A 51 14.37 1.31 13.56
CA ALA A 51 14.52 2.58 12.85
C ALA A 51 14.13 2.42 11.36
N ILE A 52 14.68 1.29 10.79
CA ILE A 52 14.36 1.02 9.36
C ILE A 52 12.87 0.82 9.16
N MET A 53 12.25 0.11 10.11
CA MET A 53 10.79 -0.11 10.01
C MET A 53 10.01 1.20 10.03
N CYS A 54 10.39 2.09 10.96
CA CYS A 54 9.80 3.43 11.04
C CYS A 54 10.02 4.19 9.72
N LEU A 55 11.20 4.12 9.19
CA LEU A 55 11.46 4.85 7.94
C LEU A 55 10.58 4.33 6.82
N SER A 56 10.53 3.01 6.70
CA SER A 56 9.61 2.46 5.67
C SER A 56 8.16 2.87 5.92
N THR A 57 7.76 2.90 7.20
CA THR A 57 6.34 3.13 7.46
C THR A 57 5.92 4.56 7.07
N LYS A 58 6.83 5.46 7.42
CA LYS A 58 6.74 6.86 7.00
C LYS A 58 6.72 7.08 5.50
N LEU A 59 7.48 6.34 4.69
CA LEU A 59 7.32 6.42 3.23
C LEU A 59 6.20 5.61 2.60
N ASN A 60 5.28 5.07 3.45
CA ASN A 60 4.17 4.23 3.07
C ASN A 60 4.57 2.98 2.32
N MET A 61 5.74 2.44 2.64
CA MET A 61 6.31 1.31 1.94
C MET A 61 5.99 -0.03 2.56
N LEU A 62 5.07 -0.09 3.54
CA LEU A 62 4.79 -1.36 4.21
C LEU A 62 3.28 -1.71 4.14
N ASP A 63 3.08 -3.02 4.00
CA ASP A 63 1.64 -3.45 4.06
C ASP A 63 1.33 -3.77 5.51
N PRO A 64 0.10 -4.25 5.77
CA PRO A 64 -0.31 -4.47 7.14
C PRO A 64 0.32 -5.75 7.73
N GLU A 65 0.83 -6.66 6.91
CA GLU A 65 1.70 -7.73 7.47
C GLU A 65 3.12 -7.31 7.84
N GLY A 66 3.58 -6.14 7.43
CA GLY A 66 4.94 -5.66 7.53
C GLY A 66 5.79 -5.99 6.33
N ASN A 67 5.31 -6.53 5.25
CA ASN A 67 6.05 -6.78 4.04
C ASN A 67 5.97 -5.54 3.11
N LEU A 68 6.93 -5.50 2.21
CA LEU A 68 7.02 -4.28 1.35
C LEU A 68 5.76 -4.18 0.51
N HIS A 69 5.28 -2.98 0.41
CA HIS A 69 4.22 -2.62 -0.53
C HIS A 69 4.84 -2.40 -1.89
N HIS A 70 4.52 -3.17 -2.91
CA HIS A 70 5.33 -3.12 -4.15
C HIS A 70 5.07 -1.80 -4.92
N GLY A 71 3.75 -1.42 -4.93
CA GLY A 71 3.42 -0.13 -5.55
C GLY A 71 4.16 1.07 -5.06
N ASN A 72 4.25 1.28 -3.75
CA ASN A 72 4.89 2.44 -3.22
C ASN A 72 6.43 2.24 -3.28
N ALA A 73 6.89 1.02 -3.13
CA ALA A 73 8.40 0.92 -3.28
C ALA A 73 8.80 1.27 -4.71
N MET A 74 8.00 0.85 -5.68
CA MET A 74 8.33 1.08 -7.09
C MET A 74 8.28 2.58 -7.33
N GLU A 75 7.24 3.19 -6.73
CA GLU A 75 7.08 4.63 -6.94
C GLU A 75 8.23 5.41 -6.29
N PHE A 76 8.65 4.98 -5.11
CA PHE A 76 9.82 5.55 -4.42
C PHE A 76 11.07 5.43 -5.25
N ALA A 77 11.34 4.16 -5.70
CA ALA A 77 12.51 3.88 -6.49
C ALA A 77 12.52 4.80 -7.75
N LYS A 78 11.41 4.84 -8.39
CA LYS A 78 11.33 5.68 -9.64
C LYS A 78 11.49 7.14 -9.35
N LYS A 79 10.99 7.63 -8.23
CA LYS A 79 11.03 9.04 -7.89
C LYS A 79 12.47 9.49 -7.69
N HIS A 80 13.32 8.56 -7.22
CA HIS A 80 14.71 8.88 -6.92
C HIS A 80 15.65 8.35 -7.97
N GLY A 81 15.12 8.01 -9.16
CA GLY A 81 16.01 7.82 -10.28
C GLY A 81 16.25 6.47 -10.88
N ALA A 82 15.61 5.42 -10.30
CA ALA A 82 15.70 4.12 -10.92
C ALA A 82 14.80 3.93 -12.15
N ASP A 83 15.36 3.28 -13.18
CA ASP A 83 14.37 2.91 -14.20
C ASP A 83 13.56 1.71 -13.72
N GLU A 84 12.60 1.34 -14.57
CA GLU A 84 11.68 0.25 -14.28
C GLU A 84 12.43 -1.01 -13.89
N THR A 85 13.49 -1.36 -14.60
CA THR A 85 14.14 -2.64 -14.38
C THR A 85 14.91 -2.57 -13.06
N MET A 86 15.64 -1.49 -12.87
CA MET A 86 16.39 -1.39 -11.62
C MET A 86 15.37 -1.37 -10.48
N ALA A 87 14.29 -0.60 -10.63
CA ALA A 87 13.30 -0.54 -9.56
C ALA A 87 12.76 -1.98 -9.26
N GLN A 88 12.45 -2.68 -10.34
CA GLN A 88 11.92 -4.05 -10.06
C GLN A 88 12.99 -4.95 -9.42
N GLN A 89 14.24 -4.79 -9.87
CA GLN A 89 15.27 -5.63 -9.28
C GLN A 89 15.33 -5.34 -7.79
N LEU A 90 15.32 -4.09 -7.34
CA LEU A 90 15.32 -3.83 -5.90
C LEU A 90 14.12 -4.42 -5.14
N ILE A 91 12.95 -4.33 -5.77
CA ILE A 91 11.75 -4.89 -5.13
C ILE A 91 11.96 -6.40 -4.97
N ASP A 92 12.45 -7.03 -5.99
CA ASP A 92 12.73 -8.45 -5.95
C ASP A 92 13.77 -8.80 -4.89
N ILE A 93 14.77 -7.96 -4.67
CA ILE A 93 15.69 -8.34 -3.55
C ILE A 93 14.94 -8.31 -2.23
N VAL A 94 14.21 -7.19 -1.96
CA VAL A 94 13.52 -7.07 -0.68
C VAL A 94 12.54 -8.25 -0.53
N HIS A 95 11.78 -8.45 -1.65
CA HIS A 95 10.76 -9.56 -1.53
C HIS A 95 11.40 -10.91 -1.29
N GLY A 96 12.48 -11.25 -1.94
CA GLY A 96 13.35 -12.43 -1.80
C GLY A 96 13.88 -12.48 -0.38
N CYS A 97 14.29 -11.33 0.19
CA CYS A 97 14.82 -11.37 1.53
C CYS A 97 13.69 -11.58 2.55
N GLU A 98 12.44 -11.15 2.24
CA GLU A 98 11.38 -11.43 3.15
C GLU A 98 11.10 -12.97 3.18
N LYS A 99 11.28 -13.64 2.07
CA LYS A 99 10.96 -15.09 2.04
C LYS A 99 12.15 -15.93 2.51
N SER A 100 13.37 -15.42 2.41
CA SER A 100 14.58 -16.18 2.71
C SER A 100 15.11 -16.02 4.12
N THR A 101 14.59 -15.04 4.88
CA THR A 101 14.96 -14.92 6.29
C THR A 101 13.89 -15.57 7.21
N PRO A 102 14.31 -16.10 8.35
CA PRO A 102 13.41 -16.78 9.25
C PRO A 102 12.30 -15.90 9.77
N ALA A 103 11.05 -16.27 9.63
CA ALA A 103 9.97 -15.59 10.33
C ALA A 103 10.27 -15.24 11.78
N ASN A 104 9.86 -14.03 12.23
CA ASN A 104 10.20 -13.67 13.63
C ASN A 104 9.08 -12.74 14.08
N ASP A 105 8.45 -12.94 15.24
CA ASP A 105 7.34 -12.07 15.64
C ASP A 105 7.84 -10.73 16.18
N ASP A 106 9.08 -10.72 16.60
CA ASP A 106 9.67 -9.40 16.91
C ASP A 106 9.93 -8.66 15.61
N LYS A 107 9.04 -7.83 15.13
CA LYS A 107 9.23 -7.03 13.92
C LYS A 107 10.55 -6.28 13.77
N CYS A 108 11.13 -5.72 14.83
CA CYS A 108 12.42 -5.01 14.70
C CYS A 108 13.50 -6.00 14.31
N ILE A 109 13.55 -7.20 14.87
CA ILE A 109 14.66 -8.09 14.58
C ILE A 109 14.39 -8.67 13.17
N TRP A 110 13.12 -8.86 12.86
CA TRP A 110 12.83 -9.40 11.52
C TRP A 110 13.18 -8.35 10.44
N THR A 111 12.88 -7.12 10.72
CA THR A 111 13.24 -6.04 9.73
C THR A 111 14.72 -5.92 9.58
N LEU A 112 15.49 -5.93 10.67
CA LEU A 112 16.94 -6.05 10.59
C LEU A 112 17.47 -7.16 9.70
N GLY A 113 16.86 -8.30 9.82
CA GLY A 113 17.20 -9.49 9.02
C GLY A 113 16.95 -9.25 7.53
N VAL A 114 15.85 -8.62 7.21
CA VAL A 114 15.56 -8.25 5.85
C VAL A 114 16.64 -7.24 5.39
N ALA A 115 16.80 -6.20 6.20
CA ALA A 115 17.78 -5.18 5.78
C ALA A 115 19.19 -5.74 5.59
N THR A 116 19.67 -6.64 6.49
CA THR A 116 21.01 -7.20 6.28
C THR A 116 21.10 -8.04 5.02
N CYS A 117 20.03 -8.73 4.70
CA CYS A 117 20.02 -9.60 3.52
C CYS A 117 20.02 -8.69 2.26
N PHE A 118 19.24 -7.63 2.28
CA PHE A 118 19.19 -6.61 1.21
C PHE A 118 20.56 -5.99 0.93
N LYS A 119 21.31 -5.66 2.01
CA LYS A 119 22.60 -4.99 1.93
C LYS A 119 23.52 -5.98 1.23
N ALA A 120 23.46 -7.22 1.72
CA ALA A 120 24.42 -8.17 1.09
C ALA A 120 24.18 -8.34 -0.41
N GLU A 121 22.93 -8.41 -0.78
CA GLU A 121 22.58 -8.60 -2.20
C GLU A 121 23.02 -7.38 -3.05
N ILE A 122 22.93 -6.19 -2.39
CA ILE A 122 23.36 -4.97 -3.18
C ILE A 122 24.87 -4.97 -3.31
N HIS A 123 25.57 -5.45 -2.25
CA HIS A 123 27.05 -5.56 -2.44
C HIS A 123 27.36 -6.50 -3.57
N LYS A 124 26.68 -7.66 -3.63
CA LYS A 124 26.87 -8.62 -4.71
C LYS A 124 26.56 -8.11 -6.07
N LEU A 125 25.66 -7.15 -6.30
CA LEU A 125 25.47 -6.51 -7.55
C LEU A 125 26.52 -5.41 -7.80
N ASN A 126 27.35 -5.12 -6.82
CA ASN A 126 28.33 -4.01 -6.95
C ASN A 126 27.57 -2.71 -7.09
N TRP A 127 26.42 -2.63 -6.36
CA TRP A 127 25.62 -1.39 -6.36
C TRP A 127 25.76 -0.65 -5.04
N ALA A 128 26.58 -1.14 -4.09
CA ALA A 128 26.68 -0.37 -2.84
C ALA A 128 27.45 0.91 -3.10
N PRO A 129 26.88 2.06 -2.72
CA PRO A 129 27.59 3.31 -2.97
C PRO A 129 28.70 3.68 -2.00
N SER A 130 29.60 4.59 -2.41
CA SER A 130 30.56 5.18 -1.46
C SER A 130 29.95 6.46 -0.90
N MET A 131 29.50 6.59 0.33
CA MET A 131 28.73 7.82 0.65
C MET A 131 29.69 8.92 1.16
N ASP A 132 29.52 10.15 0.76
CA ASP A 132 30.22 11.32 1.30
C ASP A 132 29.55 11.84 2.57
N VAL A 133 28.31 11.44 2.79
CA VAL A 133 27.36 11.91 3.80
C VAL A 133 26.59 10.68 4.32
N ALA A 134 26.28 10.55 5.59
CA ALA A 134 25.78 9.25 6.04
C ALA A 134 24.28 9.17 5.84
N VAL A 135 23.77 7.91 5.79
CA VAL A 135 22.31 7.78 5.69
C VAL A 135 21.65 8.35 6.93
N GLY A 136 20.68 9.23 6.78
CA GLY A 136 20.04 9.70 8.01
C GLY A 136 20.52 11.10 8.41
N GLU A 137 21.62 11.54 7.83
CA GLU A 137 22.32 12.71 8.33
C GLU A 137 21.59 13.95 7.82
N SER B 1 -4.89 9.72 -5.76
CA SER B 1 -4.16 9.80 -4.46
C SER B 1 -4.55 8.71 -3.48
N GLN B 2 -3.59 8.06 -2.82
CA GLN B 2 -3.86 7.09 -1.77
C GLN B 2 -4.46 7.76 -0.60
N GLU B 3 -4.01 9.01 -0.27
CA GLU B 3 -4.76 9.60 0.89
C GLU B 3 -6.21 9.78 0.68
N VAL B 4 -6.62 10.30 -0.51
CA VAL B 4 -8.01 10.40 -0.91
C VAL B 4 -8.70 9.05 -0.93
N MET B 5 -8.05 8.03 -1.51
CA MET B 5 -8.74 6.75 -1.59
C MET B 5 -9.01 6.26 -0.15
N LYS B 6 -8.05 6.52 0.75
CA LYS B 6 -8.36 6.18 2.17
C LYS B 6 -9.61 6.83 2.69
N ASN B 7 -9.71 8.16 2.42
CA ASN B 7 -10.91 8.87 2.94
C ASN B 7 -12.14 8.32 2.28
N LEU B 8 -12.07 8.09 0.93
CA LEU B 8 -13.32 7.55 0.33
C LEU B 8 -13.66 6.14 0.83
N SER B 9 -12.64 5.29 1.03
CA SER B 9 -12.87 3.93 1.50
C SER B 9 -13.47 3.89 2.91
N LEU B 10 -12.95 4.66 3.85
CA LEU B 10 -13.51 4.73 5.20
C LEU B 10 -14.97 5.16 5.07
N ASN B 11 -15.22 6.24 4.35
CA ASN B 11 -16.59 6.76 4.35
C ASN B 11 -17.57 6.00 3.54
N PHE B 12 -17.13 5.29 2.49
CA PHE B 12 -18.09 4.53 1.72
C PHE B 12 -18.62 3.40 2.55
N GLY B 13 -17.70 2.82 3.33
CA GLY B 13 -18.13 1.68 4.14
C GLY B 13 -18.66 1.95 5.53
N LYS B 14 -18.94 3.17 5.87
CA LYS B 14 -19.45 3.47 7.22
C LYS B 14 -20.74 2.80 7.56
N ALA B 15 -21.68 2.61 6.62
CA ALA B 15 -22.93 1.92 6.97
C ALA B 15 -22.93 0.44 6.81
N LEU B 16 -21.76 -0.28 6.74
CA LEU B 16 -21.73 -1.68 6.49
C LEU B 16 -22.54 -2.54 7.55
N ASP B 17 -22.42 -2.08 8.78
CA ASP B 17 -23.03 -2.76 9.92
C ASP B 17 -24.54 -2.55 9.80
N GLU B 18 -24.94 -1.30 9.49
CA GLU B 18 -26.33 -1.09 9.05
C GLU B 18 -26.65 -1.95 7.85
N CYS B 19 -25.80 -1.97 6.81
CA CYS B 19 -26.12 -2.84 5.69
C CYS B 19 -26.30 -4.27 6.19
N LYS B 20 -25.29 -4.85 6.85
CA LYS B 20 -25.38 -6.23 7.31
C LYS B 20 -26.66 -6.47 8.10
N LYS B 21 -26.93 -5.55 9.07
CA LYS B 21 -28.14 -5.80 9.86
C LYS B 21 -29.37 -5.79 8.97
N GLU B 22 -29.56 -4.84 8.03
CA GLU B 22 -30.77 -4.83 7.23
C GLU B 22 -30.95 -6.06 6.33
N MET B 23 -29.89 -6.47 5.67
CA MET B 23 -30.10 -7.54 4.68
C MET B 23 -29.78 -8.82 5.49
N THR B 24 -29.41 -9.85 4.86
CA THR B 24 -28.98 -11.11 4.53
C THR B 24 -27.63 -11.68 4.99
N LEU B 25 -26.66 -10.86 5.48
CA LEU B 25 -25.27 -11.16 5.13
C LEU B 25 -24.38 -11.87 6.20
N THR B 26 -23.63 -12.79 5.63
CA THR B 26 -22.75 -13.49 6.59
C THR B 26 -21.56 -12.63 6.96
N ASP B 27 -20.96 -13.00 8.12
CA ASP B 27 -19.77 -12.25 8.55
C ASP B 27 -18.59 -12.62 7.66
N ALA B 28 -18.64 -13.59 6.78
CA ALA B 28 -17.74 -13.96 5.75
C ALA B 28 -17.32 -12.66 4.92
N ILE B 29 -18.18 -11.67 4.89
CA ILE B 29 -17.78 -10.53 4.02
C ILE B 29 -16.75 -9.73 4.80
N ASN B 30 -16.65 -9.81 6.12
CA ASN B 30 -15.69 -8.92 6.84
C ASN B 30 -14.28 -9.08 6.29
N GLU B 31 -13.93 -10.33 5.96
CA GLU B 31 -12.56 -10.53 5.42
C GLU B 31 -12.33 -9.62 4.18
N ASP B 32 -13.29 -9.54 3.27
CA ASP B 32 -13.16 -8.66 2.09
C ASP B 32 -13.10 -7.21 2.43
N PHE B 33 -13.88 -6.70 3.33
CA PHE B 33 -13.83 -5.27 3.74
C PHE B 33 -12.53 -4.99 4.47
N TYR B 34 -12.08 -5.84 5.39
CA TYR B 34 -10.89 -5.50 6.17
C TYR B 34 -9.66 -5.54 5.29
N ASN B 35 -9.58 -6.41 4.30
CA ASN B 35 -8.40 -6.57 3.49
C ASN B 35 -8.51 -6.04 2.07
N PHE B 36 -9.54 -5.18 1.81
CA PHE B 36 -9.89 -4.80 0.45
C PHE B 36 -8.70 -4.38 -0.35
N TRP B 37 -7.84 -3.51 0.17
CA TRP B 37 -6.87 -2.89 -0.70
C TRP B 37 -5.52 -3.64 -0.76
N LYS B 38 -5.31 -4.70 0.03
CA LYS B 38 -4.04 -5.42 -0.03
C LYS B 38 -3.74 -5.93 -1.45
N GLU B 39 -2.46 -5.74 -1.78
CA GLU B 39 -2.02 -6.00 -3.13
C GLU B 39 -2.27 -7.47 -3.53
N GLY B 40 -1.93 -8.38 -2.65
CA GLY B 40 -2.23 -9.78 -3.13
C GLY B 40 -3.71 -10.16 -3.11
N TYR B 41 -4.59 -9.45 -2.41
CA TYR B 41 -5.86 -9.94 -1.91
C TYR B 41 -6.93 -9.93 -3.00
N GLU B 42 -7.71 -10.97 -3.30
CA GLU B 42 -8.88 -10.86 -4.13
C GLU B 42 -10.20 -10.94 -3.37
N ILE B 43 -11.10 -9.97 -3.59
CA ILE B 43 -12.34 -9.85 -2.88
C ILE B 43 -13.11 -11.07 -3.42
N LYS B 44 -13.90 -11.74 -2.57
CA LYS B 44 -14.24 -13.10 -2.98
C LYS B 44 -15.67 -13.54 -2.63
N ASN B 45 -16.34 -12.90 -1.71
CA ASN B 45 -17.62 -13.31 -1.20
C ASN B 45 -18.78 -12.66 -1.94
N ARG B 46 -19.88 -13.41 -2.10
CA ARG B 46 -20.95 -12.91 -2.95
C ARG B 46 -21.69 -11.80 -2.25
N GLU B 47 -21.84 -11.91 -0.93
CA GLU B 47 -22.55 -10.89 -0.17
C GLU B 47 -21.78 -9.59 -0.04
N THR B 48 -20.47 -9.66 -0.43
CA THR B 48 -19.68 -8.41 -0.44
C THR B 48 -20.19 -7.57 -1.63
N GLY B 49 -20.47 -8.27 -2.68
CA GLY B 49 -21.20 -7.72 -3.87
C GLY B 49 -22.49 -7.11 -3.39
N CYS B 50 -23.26 -7.78 -2.50
CA CYS B 50 -24.48 -7.25 -2.01
C CYS B 50 -24.24 -6.09 -1.05
N ALA B 51 -23.24 -6.14 -0.19
CA ALA B 51 -22.88 -5.04 0.68
C ALA B 51 -22.56 -3.77 -0.15
N ILE B 52 -21.79 -4.07 -1.20
CA ILE B 52 -21.36 -2.81 -1.95
C ILE B 52 -22.56 -2.07 -2.59
N MET B 53 -23.46 -2.88 -3.15
CA MET B 53 -24.78 -2.36 -3.62
C MET B 53 -25.58 -1.64 -2.58
N CYS B 54 -25.75 -2.15 -1.34
CA CYS B 54 -26.45 -1.45 -0.29
C CYS B 54 -25.77 -0.18 0.08
N LEU B 55 -24.42 -0.18 0.19
CA LEU B 55 -23.69 1.02 0.51
C LEU B 55 -23.87 2.08 -0.67
N SER B 56 -23.80 1.50 -1.84
CA SER B 56 -23.94 2.52 -2.96
C SER B 56 -25.36 3.10 -2.92
N THR B 57 -26.31 2.16 -2.86
CA THR B 57 -27.71 2.62 -2.85
C THR B 57 -28.01 3.59 -1.73
N LYS B 58 -27.53 3.35 -0.50
CA LYS B 58 -27.73 4.27 0.61
C LYS B 58 -27.08 5.63 0.46
N LEU B 59 -25.95 5.72 -0.26
CA LEU B 59 -25.30 6.96 -0.53
C LEU B 59 -25.84 7.69 -1.79
N ASN B 60 -26.75 7.05 -2.45
CA ASN B 60 -27.54 7.59 -3.54
C ASN B 60 -26.63 7.62 -4.76
N MET B 61 -25.77 6.62 -4.88
CA MET B 61 -24.79 6.59 -5.95
C MET B 61 -25.24 5.65 -7.04
N LEU B 62 -26.49 5.13 -6.98
CA LEU B 62 -26.92 4.18 -7.98
C LEU B 62 -28.17 4.66 -8.80
N ASP B 63 -28.03 4.49 -10.09
CA ASP B 63 -29.16 4.99 -10.92
C ASP B 63 -30.22 3.90 -11.09
N PRO B 64 -31.30 4.24 -11.80
CA PRO B 64 -32.44 3.36 -11.99
C PRO B 64 -32.12 2.08 -12.71
N GLU B 65 -31.18 2.08 -13.64
CA GLU B 65 -30.66 0.87 -14.27
C GLU B 65 -29.61 0.17 -13.40
N GLY B 66 -29.34 0.65 -12.20
CA GLY B 66 -28.38 -0.03 -11.31
C GLY B 66 -26.96 0.49 -11.53
N ASN B 67 -26.74 1.46 -12.38
CA ASN B 67 -25.36 1.80 -12.80
C ASN B 67 -24.91 2.92 -11.91
N LEU B 68 -23.61 3.27 -11.82
CA LEU B 68 -23.26 4.48 -11.08
C LEU B 68 -23.95 5.76 -11.59
N HIS B 69 -24.56 6.55 -10.71
CA HIS B 69 -25.02 7.89 -11.03
C HIS B 69 -23.82 8.84 -10.92
N HIS B 70 -23.43 9.42 -12.07
CA HIS B 70 -22.16 10.15 -12.14
C HIS B 70 -22.22 11.40 -11.33
N GLY B 71 -23.36 12.08 -11.31
CA GLY B 71 -23.51 13.34 -10.60
C GLY B 71 -23.32 13.09 -9.10
N ASN B 72 -24.04 12.11 -8.57
CA ASN B 72 -23.90 11.95 -7.12
C ASN B 72 -22.54 11.28 -6.74
N ALA B 73 -22.02 10.47 -7.63
CA ALA B 73 -20.71 9.89 -7.37
C ALA B 73 -19.66 11.00 -7.35
N MET B 74 -19.81 12.00 -8.27
CA MET B 74 -18.90 13.11 -8.20
C MET B 74 -19.01 13.81 -6.86
N GLU B 75 -20.24 14.10 -6.40
CA GLU B 75 -20.43 14.77 -5.11
C GLU B 75 -19.79 13.99 -3.94
N PHE B 76 -19.97 12.68 -3.94
CA PHE B 76 -19.41 11.88 -2.84
C PHE B 76 -17.89 11.98 -2.92
N ALA B 77 -17.32 11.83 -4.14
CA ALA B 77 -15.85 11.80 -4.22
C ALA B 77 -15.25 13.14 -3.81
N LYS B 78 -15.87 14.25 -4.21
CA LYS B 78 -15.37 15.57 -3.87
C LYS B 78 -15.56 15.90 -2.37
N LYS B 79 -16.70 15.45 -1.85
CA LYS B 79 -16.96 15.65 -0.42
C LYS B 79 -15.82 15.07 0.42
N HIS B 80 -15.32 13.90 -0.02
CA HIS B 80 -14.22 13.26 0.73
C HIS B 80 -12.87 13.57 0.15
N GLY B 81 -12.68 14.61 -0.69
CA GLY B 81 -11.39 15.19 -0.93
C GLY B 81 -10.79 14.99 -2.31
N ALA B 82 -11.43 14.30 -3.20
CA ALA B 82 -10.93 14.16 -4.56
C ALA B 82 -11.06 15.50 -5.31
N ASP B 83 -10.04 15.92 -6.05
CA ASP B 83 -10.27 17.12 -6.89
C ASP B 83 -11.04 16.64 -8.11
N GLU B 84 -11.35 17.57 -9.02
CA GLU B 84 -12.14 17.15 -10.13
C GLU B 84 -11.43 16.12 -11.03
N THR B 85 -10.11 16.23 -11.19
CA THR B 85 -9.47 15.29 -12.11
C THR B 85 -9.55 13.86 -11.46
N MET B 86 -9.22 13.85 -10.14
CA MET B 86 -9.28 12.39 -9.68
C MET B 86 -10.69 11.85 -9.65
N ALA B 87 -11.67 12.66 -9.25
CA ALA B 87 -13.06 12.29 -9.22
C ALA B 87 -13.54 11.73 -10.55
N GLN B 88 -13.24 12.46 -11.60
CA GLN B 88 -13.62 12.05 -12.96
C GLN B 88 -12.96 10.77 -13.37
N GLN B 89 -11.68 10.62 -12.97
CA GLN B 89 -10.97 9.38 -13.23
C GLN B 89 -11.61 8.17 -12.54
N LEU B 90 -12.09 8.39 -11.30
CA LEU B 90 -12.77 7.27 -10.60
C LEU B 90 -14.06 6.90 -11.30
N ILE B 91 -14.89 7.90 -11.60
CA ILE B 91 -16.12 7.69 -12.40
C ILE B 91 -15.87 6.95 -13.67
N ASP B 92 -14.83 7.38 -14.41
CA ASP B 92 -14.56 6.71 -15.70
C ASP B 92 -14.10 5.28 -15.45
N ILE B 93 -13.35 5.01 -14.34
CA ILE B 93 -13.08 3.56 -14.09
C ILE B 93 -14.32 2.75 -13.88
N VAL B 94 -15.21 3.23 -13.00
CA VAL B 94 -16.44 2.56 -12.67
C VAL B 94 -17.24 2.28 -13.95
N HIS B 95 -17.37 3.33 -14.76
CA HIS B 95 -18.16 3.27 -15.97
C HIS B 95 -17.56 2.33 -16.93
N GLY B 96 -16.26 2.32 -17.20
CA GLY B 96 -15.54 1.31 -17.95
C GLY B 96 -15.72 -0.10 -17.40
N CYS B 97 -15.60 -0.24 -16.07
CA CYS B 97 -15.86 -1.56 -15.45
C CYS B 97 -17.28 -2.03 -15.57
N GLU B 98 -18.25 -1.13 -15.67
CA GLU B 98 -19.64 -1.55 -15.94
C GLU B 98 -19.79 -2.12 -17.34
N LYS B 99 -18.94 -1.70 -18.27
CA LYS B 99 -18.97 -2.16 -19.63
C LYS B 99 -18.20 -3.46 -19.80
N SER B 100 -17.09 -3.61 -19.10
CA SER B 100 -16.16 -4.68 -19.40
C SER B 100 -16.61 -5.92 -18.60
N THR B 101 -17.48 -5.75 -17.60
CA THR B 101 -17.81 -6.96 -16.83
C THR B 101 -18.93 -7.70 -17.56
N PRO B 102 -18.88 -9.01 -17.73
CA PRO B 102 -19.99 -9.77 -18.31
C PRO B 102 -21.33 -9.45 -17.67
N ALA B 103 -22.36 -9.30 -18.51
CA ALA B 103 -23.70 -9.12 -17.96
C ALA B 103 -23.98 -10.33 -17.05
N ASN B 104 -24.87 -10.12 -16.10
CA ASN B 104 -25.31 -11.12 -15.14
C ASN B 104 -26.65 -10.72 -14.53
N ASP B 105 -27.56 -11.65 -14.25
CA ASP B 105 -28.82 -11.35 -13.60
C ASP B 105 -28.75 -11.44 -12.07
N ASP B 106 -27.69 -12.05 -11.52
CA ASP B 106 -27.42 -11.84 -10.08
C ASP B 106 -26.71 -10.48 -9.95
N LYS B 107 -27.33 -9.53 -9.31
CA LYS B 107 -26.81 -8.17 -9.20
C LYS B 107 -25.63 -8.10 -8.21
N CYS B 108 -25.75 -8.79 -7.10
CA CYS B 108 -24.66 -9.05 -6.16
C CYS B 108 -23.43 -9.56 -6.88
N ILE B 109 -23.48 -10.57 -7.73
CA ILE B 109 -22.32 -11.01 -8.48
C ILE B 109 -21.77 -9.98 -9.45
N TRP B 110 -22.66 -9.28 -10.16
CA TRP B 110 -22.20 -8.33 -11.20
C TRP B 110 -21.46 -7.19 -10.43
N THR B 111 -22.03 -6.83 -9.29
CA THR B 111 -21.44 -5.71 -8.54
C THR B 111 -20.06 -6.14 -8.03
N LEU B 112 -19.92 -7.43 -7.68
CA LEU B 112 -18.63 -7.98 -7.29
C LEU B 112 -17.68 -7.85 -8.45
N GLY B 113 -18.03 -8.16 -9.71
CA GLY B 113 -17.22 -8.00 -10.84
C GLY B 113 -16.82 -6.52 -11.14
N VAL B 114 -17.71 -5.62 -11.01
CA VAL B 114 -17.41 -4.18 -11.21
C VAL B 114 -16.48 -3.72 -10.08
N ALA B 115 -16.76 -4.17 -8.87
CA ALA B 115 -15.79 -3.81 -7.79
C ALA B 115 -14.44 -4.41 -7.95
N THR B 116 -14.28 -5.65 -8.44
CA THR B 116 -12.97 -6.20 -8.62
C THR B 116 -12.24 -5.54 -9.77
N CYS B 117 -12.96 -5.16 -10.82
CA CYS B 117 -12.32 -4.40 -11.92
C CYS B 117 -11.86 -3.01 -11.44
N PHE B 118 -12.69 -2.40 -10.63
CA PHE B 118 -12.36 -1.07 -10.06
C PHE B 118 -11.06 -1.20 -9.22
N LYS B 119 -11.06 -2.10 -8.23
CA LYS B 119 -9.86 -2.37 -7.46
C LYS B 119 -8.65 -2.56 -8.35
N ALA B 120 -8.65 -3.46 -9.34
CA ALA B 120 -7.51 -3.68 -10.23
C ALA B 120 -6.97 -2.41 -10.91
N GLU B 121 -7.85 -1.53 -11.33
CA GLU B 121 -7.40 -0.29 -11.96
C GLU B 121 -6.86 0.65 -10.94
N ILE B 122 -7.37 0.68 -9.73
CA ILE B 122 -6.77 1.55 -8.68
C ILE B 122 -5.38 1.06 -8.27
N HIS B 123 -5.19 -0.30 -8.23
CA HIS B 123 -3.83 -0.81 -8.15
C HIS B 123 -2.96 -0.39 -9.28
N LYS B 124 -3.35 -0.46 -10.56
CA LYS B 124 -2.57 -0.02 -11.68
C LYS B 124 -2.15 1.44 -11.60
N LEU B 125 -2.99 2.30 -11.06
CA LEU B 125 -2.61 3.70 -10.83
C LEU B 125 -1.79 3.93 -9.58
N ASN B 126 -1.53 2.89 -8.78
CA ASN B 126 -0.81 3.04 -7.51
C ASN B 126 -1.61 3.95 -6.59
N TRP B 127 -2.97 3.90 -6.62
CA TRP B 127 -3.84 4.68 -5.77
C TRP B 127 -4.44 3.86 -4.61
N ALA B 128 -4.00 2.60 -4.46
CA ALA B 128 -4.49 1.82 -3.28
C ALA B 128 -3.62 2.13 -2.05
N PRO B 129 -4.30 2.43 -0.96
CA PRO B 129 -3.61 2.76 0.31
C PRO B 129 -2.80 1.54 0.76
N SER B 130 -1.64 1.80 1.34
CA SER B 130 -0.71 0.69 1.59
C SER B 130 -0.85 0.13 3.00
N MET B 131 -1.08 0.98 3.99
CA MET B 131 -1.20 0.32 5.33
C MET B 131 -2.65 0.30 5.80
N ASP B 132 -3.41 1.32 5.53
CA ASP B 132 -4.84 1.40 5.84
C ASP B 132 -5.70 0.87 4.68
N VAL B 133 -5.89 -0.43 4.71
CA VAL B 133 -6.45 -1.10 3.57
C VAL B 133 -7.94 -1.35 3.63
N ALA B 134 -8.64 -1.08 4.66
CA ALA B 134 -10.05 -1.52 4.74
C ALA B 134 -10.96 -0.55 3.96
N VAL B 135 -12.11 -1.10 3.66
CA VAL B 135 -13.30 -0.33 3.24
C VAL B 135 -14.23 -0.35 4.47
N GLY B 136 -14.60 0.82 4.89
CA GLY B 136 -15.34 0.92 6.17
C GLY B 136 -14.45 0.80 7.38
N GLU B 137 -15.06 0.54 8.54
CA GLU B 137 -14.57 0.55 9.88
C GLU B 137 -14.67 -0.77 10.67
O1 BOM C . 11.33 -1.99 6.22
C2 BOM C . 11.28 -3.27 5.56
C4 BOM C . 11.78 -3.16 4.12
C7 BOM C . 13.12 -2.43 4.12
C10 BOM C . 14.36 -2.96 3.43
C13 BOM C . 15.20 -1.75 2.87
C16 BOM C . 16.29 -1.33 3.83
C19 BOM C . 17.42 -0.58 3.10
C22 BOM C . 17.59 0.87 3.51
C25 BOM C . 18.82 1.51 2.86
C28 BOM C . 18.44 2.17 1.55
C31 BOM C . 17.44 1.73 0.82
C33 BOM C . 16.97 2.25 -0.43
C35 BOM C . 15.98 1.76 -1.16
C37 BOM C . 15.01 0.64 -1.06
C39 BOM C . 14.18 0.48 -2.35
C42 BOM C . 13.02 -0.51 -2.16
O1 BOM D . -20.39 3.60 -5.34
C2 BOM D . -20.86 3.03 -6.53
C4 BOM D . -20.53 1.56 -6.76
C7 BOM D . -19.37 1.26 -7.69
C10 BOM D . -18.35 0.30 -7.06
C13 BOM D . -17.13 0.90 -6.40
C16 BOM D . -16.14 -0.13 -5.87
C19 BOM D . -15.91 -0.19 -4.37
C22 BOM D . -14.58 0.52 -4.01
C25 BOM D . -14.46 0.87 -2.53
C28 BOM D . -14.24 2.37 -2.26
C31 BOM D . -14.82 3.25 -3.11
C33 BOM D . -14.81 4.67 -3.11
C35 BOM D . -15.36 5.52 -3.98
C37 BOM D . -16.18 5.30 -5.21
C39 BOM D . -16.45 6.54 -6.03
C42 BOM D . -16.70 6.52 -7.54
#